data_9LMX
#
_entry.id   9LMX
#
_cell.length_a   50.813
_cell.length_b   51.209
_cell.length_c   84.104
_cell.angle_alpha   90.00
_cell.angle_beta   90.00
_cell.angle_gamma   90.00
#
_symmetry.space_group_name_H-M   'P 21 21 21'
#
loop_
_entity.id
_entity.type
_entity.pdbx_description
1 polymer 'Poly(ethylene terephthalate) hydrolase'
2 non-polymer '4-(2-hydroxyethyloxycarbonyl)benzoic acid'
3 water water
#
_entity_poly.entity_id   1
_entity_poly.type   'polypeptide(L)'
_entity_poly.pdbx_seq_one_letter_code
;GANPYARGPNPTAASLEASAGPFTVRSFTVSRPSGYGAGTVYYPTNAGGTVGAIAIVPGYTARQSSIKWWGPRLASHGFV
VITIDTNSTLDQPESRSSQQMAALGQVASLNGESSSPIYGKVDTARMGVMGWAMGGGGSLISAANNPSLKAAAPQAPWHS
STNFSSVTVPTLIFACENDSIAPVASSALPIYDSMSQNAKQFLEICGGSHSCANSGNSNQALIGKKGVAWMKRFMDNDTR
YSTFACENPNSTAVCDFRTANCS
;
_entity_poly.pdbx_strand_id   A
#
loop_
_chem_comp.id
_chem_comp.type
_chem_comp.name
_chem_comp.formula
C9C non-polymer '4-(2-hydroxyethyloxycarbonyl)benzoic acid' 'C10 H10 O5'
#
# COMPACT_ATOMS: atom_id res chain seq x y z
N GLY A 1 12.50 1.72 -25.61
CA GLY A 1 12.63 3.20 -25.42
C GLY A 1 12.03 3.69 -24.10
N ALA A 2 10.91 4.40 -24.16
CA ALA A 2 10.34 5.05 -22.96
C ALA A 2 9.59 4.01 -22.11
N ASN A 3 9.52 4.26 -20.82
CA ASN A 3 8.70 3.41 -19.91
C ASN A 3 7.24 3.70 -20.16
N PRO A 4 6.43 2.76 -20.68
CA PRO A 4 5.02 3.05 -21.01
C PRO A 4 4.18 3.33 -19.75
N TYR A 5 4.69 3.03 -18.57
CA TYR A 5 3.93 3.15 -17.31
C TYR A 5 4.29 4.41 -16.54
N ALA A 6 5.26 5.20 -16.98
CA ALA A 6 5.68 6.40 -16.26
C ALA A 6 4.58 7.44 -16.35
N ARG A 7 4.17 7.97 -15.22
CA ARG A 7 3.15 9.02 -15.15
C ARG A 7 3.63 10.16 -14.29
N GLY A 8 3.20 11.36 -14.62
CA GLY A 8 3.46 12.52 -13.77
C GLY A 8 4.86 13.09 -13.96
N PRO A 9 5.08 14.24 -13.30
CA PRO A 9 6.30 14.98 -13.43
C PRO A 9 7.44 14.27 -12.68
N ASN A 10 8.65 14.62 -13.05
CA ASN A 10 9.82 14.04 -12.35
C ASN A 10 9.70 14.36 -10.86
N PRO A 11 9.94 13.36 -9.99
CA PRO A 11 9.71 13.55 -8.57
C PRO A 11 10.84 14.33 -7.89
N THR A 12 10.48 15.03 -6.84
CA THR A 12 11.43 15.66 -5.90
C THR A 12 11.06 15.23 -4.48
N ALA A 13 11.96 15.46 -3.53
CA ALA A 13 11.62 15.18 -2.13
C ALA A 13 10.37 16.00 -1.76
N ALA A 14 10.32 17.26 -2.17
CA ALA A 14 9.18 18.16 -1.83
C ALA A 14 7.91 17.60 -2.44
N SER A 15 7.96 17.16 -3.69
CA SER A 15 6.72 16.76 -4.39
C SER A 15 6.21 15.46 -3.75
N LEU A 16 7.11 14.60 -3.25
CA LEU A 16 6.69 13.33 -2.59
C LEU A 16 6.27 13.55 -1.14
N GLU A 17 6.79 14.58 -0.48
CA GLU A 17 6.45 14.89 0.94
C GLU A 17 5.14 15.67 1.05
N ALA A 18 4.75 16.31 -0.04
CA ALA A 18 3.53 17.14 -0.07
C ALA A 18 2.32 16.28 0.27
N SER A 19 1.26 16.90 0.76
CA SER A 19 -0.01 16.22 1.06
CA SER A 19 0.06 16.11 1.09
C SER A 19 -0.61 15.60 -0.20
N ALA A 20 -0.45 16.27 -1.34
CA ALA A 20 -1.06 15.83 -2.60
C ALA A 20 -0.03 15.77 -3.69
N GLY A 21 -0.17 14.76 -4.52
CA GLY A 21 0.58 14.61 -5.76
C GLY A 21 -0.02 15.50 -6.84
N PRO A 22 0.42 15.29 -8.08
CA PRO A 22 0.07 16.18 -9.17
C PRO A 22 -1.33 16.01 -9.74
N PHE A 23 -1.97 14.88 -9.51
CA PHE A 23 -3.25 14.57 -10.17
C PHE A 23 -4.43 14.90 -9.27
N THR A 24 -5.51 15.30 -9.92
CA THR A 24 -6.79 15.57 -9.26
C THR A 24 -7.45 14.24 -8.91
N VAL A 25 -8.01 14.13 -7.73
CA VAL A 25 -8.58 12.86 -7.24
C VAL A 25 -10.09 13.00 -7.02
N ARG A 26 -10.81 11.99 -7.45
CA ARG A 26 -12.23 11.84 -7.13
C ARG A 26 -12.42 10.45 -6.52
N SER A 27 -13.59 10.20 -5.97
CA SER A 27 -13.85 8.92 -5.31
C SER A 27 -15.31 8.55 -5.46
N PHE A 28 -15.58 7.26 -5.25
CA PHE A 28 -16.97 6.78 -5.19
C PHE A 28 -17.02 5.57 -4.26
N THR A 29 -18.21 5.33 -3.77
CA THR A 29 -18.55 4.13 -2.95
C THR A 29 -18.90 3.00 -3.90
N VAL A 30 -18.39 1.83 -3.65
CA VAL A 30 -18.75 0.63 -4.45
C VAL A 30 -20.22 0.26 -4.17
N SER A 31 -21.04 0.13 -5.21
CA SER A 31 -22.48 -0.08 -5.04
C SER A 31 -22.75 -1.47 -4.50
N ARG A 32 -22.12 -2.49 -5.09
CA ARG A 32 -22.35 -3.90 -4.69
C ARG A 32 -21.01 -4.59 -4.53
N PRO A 33 -20.38 -4.48 -3.34
CA PRO A 33 -19.10 -5.13 -3.11
C PRO A 33 -19.14 -6.63 -3.44
N SER A 34 -18.09 -7.08 -4.12
CA SER A 34 -17.91 -8.46 -4.60
C SER A 34 -16.96 -9.17 -3.66
N GLY A 35 -17.47 -9.83 -2.61
CA GLY A 35 -16.59 -10.64 -1.75
C GLY A 35 -15.96 -9.90 -0.60
N TYR A 36 -16.45 -8.72 -0.26
CA TYR A 36 -15.93 -7.95 0.88
C TYR A 36 -17.07 -7.06 1.38
N GLY A 37 -16.82 -6.31 2.42
CA GLY A 37 -17.90 -5.63 3.14
C GLY A 37 -18.35 -4.35 2.46
N ALA A 38 -17.42 -3.45 2.19
CA ALA A 38 -17.71 -2.13 1.57
C ALA A 38 -16.40 -1.63 0.97
N GLY A 39 -16.51 -0.67 0.06
CA GLY A 39 -15.29 -0.07 -0.47
C GLY A 39 -15.47 1.32 -0.97
N THR A 40 -14.38 2.06 -0.96
CA THR A 40 -14.29 3.37 -1.58
C THR A 40 -13.13 3.31 -2.60
N VAL A 41 -13.41 3.76 -3.80
CA VAL A 41 -12.43 3.81 -4.89
C VAL A 41 -12.00 5.27 -5.09
N TYR A 42 -10.70 5.49 -5.02
CA TYR A 42 -10.08 6.79 -5.28
C TYR A 42 -9.33 6.68 -6.60
N TYR A 43 -9.46 7.69 -7.44
CA TYR A 43 -8.84 7.63 -8.75
C TYR A 43 -8.41 9.00 -9.23
N PRO A 44 -7.36 9.05 -10.07
CA PRO A 44 -6.97 10.31 -10.67
C PRO A 44 -7.87 10.60 -11.88
N THR A 45 -8.21 11.87 -12.06
CA THR A 45 -9.08 12.27 -13.17
C THR A 45 -8.24 12.66 -14.38
N ASN A 46 -6.92 12.82 -14.22
CA ASN A 46 -6.10 13.45 -15.27
C ASN A 46 -4.72 12.80 -15.37
N ALA A 47 -4.62 11.50 -15.16
CA ALA A 47 -3.31 10.82 -15.17
C ALA A 47 -2.68 10.72 -16.53
N GLY A 48 -3.45 10.76 -17.61
CA GLY A 48 -2.79 10.74 -18.94
C GLY A 48 -2.37 9.38 -19.48
N GLY A 49 -2.64 8.33 -18.77
CA GLY A 49 -2.56 6.94 -19.20
C GLY A 49 -3.22 6.05 -18.17
N THR A 50 -3.36 4.77 -18.46
CA THR A 50 -3.88 3.80 -17.47
C THR A 50 -2.87 3.69 -16.32
N VAL A 51 -3.41 3.41 -15.15
CA VAL A 51 -2.61 3.28 -13.91
C VAL A 51 -2.90 1.97 -13.20
N GLY A 52 -1.94 1.58 -12.38
CA GLY A 52 -2.13 0.39 -11.54
C GLY A 52 -3.14 0.60 -10.43
N ALA A 53 -3.56 -0.50 -9.83
CA ALA A 53 -4.57 -0.51 -8.75
C ALA A 53 -3.97 -1.08 -7.47
N ILE A 54 -4.37 -0.50 -6.34
CA ILE A 54 -3.89 -0.90 -5.01
C ILE A 54 -5.11 -1.11 -4.12
N ALA A 55 -5.15 -2.23 -3.40
CA ALA A 55 -6.21 -2.53 -2.44
C ALA A 55 -5.63 -2.50 -1.04
N ILE A 56 -6.37 -1.83 -0.18
CA ILE A 56 -5.91 -1.54 1.20
C ILE A 56 -6.93 -2.03 2.21
N VAL A 57 -6.47 -2.79 3.21
CA VAL A 57 -7.36 -3.43 4.18
C VAL A 57 -6.99 -3.00 5.59
N PRO A 58 -7.98 -2.73 6.46
CA PRO A 58 -7.73 -2.33 7.84
C PRO A 58 -7.29 -3.50 8.72
N GLY A 59 -7.04 -3.20 9.98
CA GLY A 59 -6.76 -4.15 11.03
C GLY A 59 -8.01 -4.63 11.75
N TYR A 60 -7.77 -5.52 12.70
CA TYR A 60 -8.85 -6.08 13.56
C TYR A 60 -9.64 -4.95 14.20
N THR A 61 -10.97 -5.04 14.12
CA THR A 61 -12.01 -4.08 14.58
C THR A 61 -12.11 -2.82 13.74
N ALA A 62 -11.17 -2.61 12.82
CA ALA A 62 -11.02 -1.31 12.18
C ALA A 62 -11.78 -1.22 10.86
N ARG A 63 -11.93 -0.01 10.39
CA ARG A 63 -12.70 0.29 9.18
C ARG A 63 -11.86 1.15 8.24
N GLN A 64 -12.48 1.57 7.16
CA GLN A 64 -11.79 2.36 6.14
C GLN A 64 -11.14 3.59 6.75
N SER A 65 -11.73 4.20 7.74
CA SER A 65 -11.18 5.44 8.33
CA SER A 65 -11.18 5.44 8.33
C SER A 65 -9.70 5.29 8.67
N SER A 66 -9.32 4.17 9.25
CA SER A 66 -7.93 3.93 9.72
C SER A 66 -6.92 4.03 8.58
N ILE A 67 -7.34 3.73 7.36
CA ILE A 67 -6.42 3.62 6.20
C ILE A 67 -6.75 4.63 5.11
N LYS A 68 -7.80 5.43 5.27
CA LYS A 68 -8.37 6.29 4.19
C LYS A 68 -7.32 7.26 3.64
N TRP A 69 -6.40 7.74 4.47
CA TRP A 69 -5.49 8.81 4.01
C TRP A 69 -4.69 8.34 2.79
N TRP A 70 -4.43 7.05 2.70
CA TRP A 70 -3.67 6.49 1.58
C TRP A 70 -4.41 6.68 0.27
N GLY A 71 -5.73 6.69 0.28
CA GLY A 71 -6.50 6.75 -0.96
C GLY A 71 -6.16 7.98 -1.77
N PRO A 72 -6.39 9.20 -1.23
CA PRO A 72 -6.00 10.40 -1.97
C PRO A 72 -4.49 10.52 -2.15
N ARG A 73 -3.71 10.10 -1.17
CA ARG A 73 -2.25 10.28 -1.25
C ARG A 73 -1.72 9.51 -2.44
N LEU A 74 -2.06 8.24 -2.53
CA LEU A 74 -1.60 7.42 -3.68
C LEU A 74 -2.33 7.83 -4.95
N ALA A 75 -3.64 8.02 -4.95
CA ALA A 75 -4.35 8.26 -6.21
C ALA A 75 -3.82 9.53 -6.85
N SER A 76 -3.45 10.54 -6.06
CA SER A 76 -2.95 11.83 -6.57
C SER A 76 -1.59 11.67 -7.26
N HIS A 77 -0.94 10.53 -7.07
CA HIS A 77 0.33 10.26 -7.79
C HIS A 77 0.13 9.31 -8.95
N GLY A 78 -1.10 8.88 -9.21
CA GLY A 78 -1.37 8.06 -10.39
C GLY A 78 -1.59 6.59 -10.11
N PHE A 79 -2.58 6.32 -9.27
CA PHE A 79 -3.01 4.95 -8.92
C PHE A 79 -4.52 4.96 -8.69
N VAL A 80 -5.18 3.85 -8.97
CA VAL A 80 -6.56 3.63 -8.51
C VAL A 80 -6.44 2.88 -7.20
N VAL A 81 -7.06 3.41 -6.16
CA VAL A 81 -6.90 2.83 -4.81
C VAL A 81 -8.29 2.45 -4.30
N ILE A 82 -8.44 1.22 -3.82
CA ILE A 82 -9.68 0.81 -3.15
C ILE A 82 -9.36 0.55 -1.68
N THR A 83 -10.05 1.26 -0.80
CA THR A 83 -10.00 1.00 0.65
C THR A 83 -11.23 0.17 1.00
N ILE A 84 -11.04 -0.89 1.75
CA ILE A 84 -12.20 -1.78 2.06
C ILE A 84 -12.51 -1.82 3.55
N ASP A 85 -13.79 -2.07 3.80
CA ASP A 85 -14.24 -2.70 5.05
C ASP A 85 -14.42 -4.19 4.80
N THR A 86 -14.02 -4.98 5.77
CA THR A 86 -14.15 -6.44 5.67
C THR A 86 -15.59 -6.88 5.96
N ASN A 87 -15.91 -8.10 5.58
CA ASN A 87 -17.25 -8.67 5.82
C ASN A 87 -17.57 -8.62 7.31
N SER A 88 -16.60 -8.92 8.16
CA SER A 88 -16.70 -8.72 9.61
C SER A 88 -15.49 -7.91 10.06
N THR A 89 -15.68 -7.00 11.01
CA THR A 89 -14.51 -6.33 11.60
C THR A 89 -13.58 -7.31 12.32
N LEU A 90 -14.04 -8.53 12.57
CA LEU A 90 -13.29 -9.52 13.37
C LEU A 90 -12.70 -10.63 12.46
N ASP A 91 -12.65 -10.39 11.14
CA ASP A 91 -11.99 -11.32 10.21
C ASP A 91 -10.49 -11.41 10.51
N GLN A 92 -9.92 -12.58 10.24
CA GLN A 92 -8.50 -12.88 10.47
C GLN A 92 -7.73 -12.65 9.18
N PRO A 93 -6.37 -12.75 9.22
CA PRO A 93 -5.58 -12.37 8.04
C PRO A 93 -5.89 -13.17 6.78
N GLU A 94 -6.13 -14.48 6.85
CA GLU A 94 -6.39 -15.23 5.60
C GLU A 94 -7.65 -14.69 4.92
N SER A 95 -8.71 -14.44 5.67
CA SER A 95 -9.95 -13.86 5.13
C SER A 95 -9.69 -12.44 4.62
N ARG A 96 -8.89 -11.67 5.34
CA ARG A 96 -8.58 -10.31 4.88
C ARG A 96 -7.88 -10.38 3.52
N SER A 97 -6.96 -11.32 3.34
CA SER A 97 -6.26 -11.50 2.03
C SER A 97 -7.28 -11.81 0.93
N SER A 98 -8.16 -12.76 1.19
CA SER A 98 -9.17 -13.14 0.18
C SER A 98 -9.98 -11.92 -0.21
N GLN A 99 -10.39 -11.14 0.76
CA GLN A 99 -11.23 -9.95 0.52
C GLN A 99 -10.44 -8.88 -0.24
N GLN A 100 -9.18 -8.69 0.11
CA GLN A 100 -8.30 -7.75 -0.60
C GLN A 100 -8.21 -8.10 -2.07
N MET A 101 -8.04 -9.38 -2.35
CA MET A 101 -7.90 -9.83 -3.73
C MET A 101 -9.27 -9.75 -4.44
N ALA A 102 -10.37 -9.99 -3.74
CA ALA A 102 -11.70 -9.83 -4.33
C ALA A 102 -11.90 -8.38 -4.73
N ALA A 103 -11.43 -7.45 -3.92
CA ALA A 103 -11.53 -6.00 -4.17
C ALA A 103 -10.71 -5.65 -5.41
N LEU A 104 -9.50 -6.18 -5.56
CA LEU A 104 -8.71 -5.97 -6.81
C LEU A 104 -9.49 -6.52 -7.99
N GLY A 105 -10.09 -7.70 -7.85
CA GLY A 105 -10.89 -8.28 -8.94
C GLY A 105 -12.02 -7.35 -9.34
N GLN A 106 -12.71 -6.75 -8.35
CA GLN A 106 -13.81 -5.84 -8.64
C GLN A 106 -13.28 -4.54 -9.28
N VAL A 107 -12.13 -4.03 -8.86
CA VAL A 107 -11.54 -2.87 -9.56
C VAL A 107 -11.30 -3.24 -11.04
N ALA A 108 -10.78 -4.43 -11.30
CA ALA A 108 -10.56 -4.89 -12.68
C ALA A 108 -11.90 -4.97 -13.43
N SER A 109 -12.97 -5.43 -12.78
CA SER A 109 -14.38 -5.44 -13.31
C SER A 109 -14.82 -4.04 -13.70
N LEU A 110 -14.62 -3.10 -12.78
CA LEU A 110 -15.13 -1.73 -12.96
C LEU A 110 -14.37 -1.04 -14.10
N ASN A 111 -13.12 -1.41 -14.32
CA ASN A 111 -12.36 -0.92 -15.48
C ASN A 111 -13.11 -1.24 -16.79
N GLY A 112 -13.88 -2.32 -16.83
CA GLY A 112 -14.61 -2.71 -18.05
C GLY A 112 -16.08 -2.31 -18.01
N GLU A 113 -16.51 -1.58 -16.99
CA GLU A 113 -17.92 -1.18 -16.82
C GLU A 113 -18.11 0.25 -17.32
N SER A 114 -18.84 0.44 -18.42
CA SER A 114 -18.94 1.76 -19.08
C SER A 114 -19.56 2.81 -18.16
N SER A 115 -20.33 2.41 -17.14
CA SER A 115 -20.94 3.37 -16.18
C SER A 115 -19.97 3.79 -15.09
N SER A 116 -18.82 3.14 -14.93
CA SER A 116 -17.92 3.37 -13.79
C SER A 116 -17.07 4.60 -14.05
N PRO A 117 -16.81 5.43 -13.02
CA PRO A 117 -15.82 6.49 -13.19
C PRO A 117 -14.42 5.98 -13.57
N ILE A 118 -14.10 4.72 -13.26
CA ILE A 118 -12.75 4.20 -13.60
C ILE A 118 -12.76 3.36 -14.89
N TYR A 119 -13.82 3.47 -15.68
CA TYR A 119 -13.86 2.82 -17.01
C TYR A 119 -12.60 3.19 -17.81
N GLY A 120 -11.81 2.19 -18.18
CA GLY A 120 -10.60 2.39 -18.99
C GLY A 120 -9.49 3.15 -18.29
N LYS A 121 -9.55 3.27 -16.97
CA LYS A 121 -8.47 3.99 -16.23
C LYS A 121 -7.42 3.03 -15.67
N VAL A 122 -7.70 1.73 -15.62
CA VAL A 122 -6.84 0.77 -14.89
C VAL A 122 -6.06 -0.11 -15.86
N ASP A 123 -4.79 -0.31 -15.56
CA ASP A 123 -3.98 -1.40 -16.13
C ASP A 123 -4.13 -2.58 -15.19
N THR A 124 -4.99 -3.52 -15.53
CA THR A 124 -5.33 -4.62 -14.64
C THR A 124 -4.16 -5.59 -14.45
N ALA A 125 -3.09 -5.42 -15.21
CA ALA A 125 -1.89 -6.26 -15.04
C ALA A 125 -0.92 -5.72 -14.00
N ARG A 126 -1.22 -4.59 -13.40
CA ARG A 126 -0.29 -3.91 -12.45
C ARG A 126 -1.06 -3.58 -11.19
N MET A 127 -0.80 -4.37 -10.16
CA MET A 127 -1.55 -4.25 -8.92
C MET A 127 -0.64 -4.33 -7.70
N GLY A 128 -1.13 -3.77 -6.62
CA GLY A 128 -0.42 -3.74 -5.34
C GLY A 128 -1.33 -3.93 -4.15
N VAL A 129 -0.74 -4.25 -3.02
CA VAL A 129 -1.50 -4.51 -1.77
C VAL A 129 -0.88 -3.80 -0.59
N MET A 130 -1.75 -3.24 0.23
CA MET A 130 -1.37 -2.55 1.47
C MET A 130 -2.40 -2.88 2.54
N GLY A 131 -2.04 -2.61 3.79
CA GLY A 131 -2.99 -2.81 4.86
C GLY A 131 -2.33 -2.79 6.20
N TRP A 132 -3.19 -2.63 7.22
CA TRP A 132 -2.74 -2.40 8.60
C TRP A 132 -2.92 -3.67 9.43
N ALA A 133 -1.86 -4.08 10.13
CA ALA A 133 -1.96 -5.06 11.23
C ALA A 133 -2.44 -6.39 10.65
N MET A 134 -3.54 -6.96 11.10
CA MET A 134 -4.00 -8.18 10.43
C MET A 134 -4.23 -7.95 8.94
N GLY A 135 -4.60 -6.75 8.52
CA GLY A 135 -4.70 -6.41 7.08
C GLY A 135 -3.33 -6.31 6.41
N GLY A 136 -2.30 -6.03 7.17
CA GLY A 136 -0.92 -6.08 6.69
C GLY A 136 -0.48 -7.52 6.53
N GLY A 137 -0.77 -8.37 7.50
CA GLY A 137 -0.56 -9.81 7.34
C GLY A 137 -1.32 -10.30 6.13
N GLY A 138 -2.55 -9.88 5.96
CA GLY A 138 -3.33 -10.27 4.77
C GLY A 138 -2.66 -9.84 3.49
N SER A 139 -2.05 -8.67 3.49
CA SER A 139 -1.35 -8.16 2.30
C SER A 139 -0.16 -9.08 1.94
N LEU A 140 0.55 -9.55 2.95
CA LEU A 140 1.71 -10.45 2.75
C LEU A 140 1.22 -11.82 2.27
N ILE A 141 0.09 -12.30 2.78
CA ILE A 141 -0.51 -13.56 2.28
C ILE A 141 -0.94 -13.34 0.82
N SER A 142 -1.51 -12.19 0.49
CA SER A 142 -1.91 -11.90 -0.89
C SER A 142 -0.68 -12.00 -1.78
N ALA A 143 0.42 -11.36 -1.38
CA ALA A 143 1.65 -11.35 -2.16
C ALA A 143 2.19 -12.78 -2.32
N ALA A 144 2.20 -13.56 -1.23
CA ALA A 144 2.71 -14.94 -1.29
C ALA A 144 1.89 -15.75 -2.29
N ASN A 145 0.58 -15.57 -2.29
CA ASN A 145 -0.34 -16.39 -3.09
C ASN A 145 -0.47 -15.87 -4.52
N ASN A 146 -0.05 -14.65 -4.80
CA ASN A 146 -0.28 -14.02 -6.11
C ASN A 146 0.98 -13.28 -6.50
N PRO A 147 2.03 -14.02 -6.90
CA PRO A 147 3.33 -13.41 -7.16
C PRO A 147 3.36 -12.47 -8.36
N SER A 148 2.29 -12.40 -9.14
CA SER A 148 2.19 -11.39 -10.20
C SER A 148 1.85 -10.01 -9.64
N LEU A 149 1.45 -9.88 -8.38
CA LEU A 149 1.37 -8.56 -7.76
C LEU A 149 2.72 -7.87 -7.91
N LYS A 150 2.68 -6.58 -8.12
CA LYS A 150 3.91 -5.81 -8.36
C LYS A 150 4.54 -5.20 -7.13
N ALA A 151 3.78 -4.99 -6.09
CA ALA A 151 4.32 -4.39 -4.86
C ALA A 151 3.39 -4.66 -3.70
N ALA A 152 4.00 -4.66 -2.52
CA ALA A 152 3.27 -4.74 -1.24
C ALA A 152 3.86 -3.71 -0.30
N ALA A 153 3.03 -3.06 0.49
CA ALA A 153 3.56 -2.11 1.50
C ALA A 153 2.68 -2.11 2.75
N PRO A 154 2.66 -3.23 3.50
CA PRO A 154 1.88 -3.30 4.72
C PRO A 154 2.48 -2.44 5.85
N GLN A 155 1.61 -2.14 6.82
CA GLN A 155 1.99 -1.31 7.96
C GLN A 155 1.62 -2.02 9.26
N ALA A 156 2.57 -2.03 10.18
CA ALA A 156 2.42 -2.70 11.50
C ALA A 156 1.84 -4.10 11.32
N PRO A 157 2.39 -4.91 10.38
CA PRO A 157 1.75 -6.18 10.08
C PRO A 157 1.82 -7.18 11.22
N TRP A 158 0.81 -8.05 11.21
CA TRP A 158 0.80 -9.25 12.04
C TRP A 158 0.20 -10.40 11.24
N HIS A 159 0.76 -11.59 11.44
CA HIS A 159 0.14 -12.86 11.03
C HIS A 159 0.52 -13.94 12.05
N SER A 160 -0.19 -15.05 12.07
CA SER A 160 0.06 -16.18 12.98
C SER A 160 1.39 -16.84 12.64
N SER A 161 1.84 -16.72 11.39
CA SER A 161 3.20 -17.13 11.00
C SER A 161 3.96 -15.92 10.50
N THR A 162 5.22 -15.83 10.88
CA THR A 162 6.10 -14.75 10.39
C THR A 162 6.89 -15.21 9.17
N ASN A 163 6.67 -16.43 8.71
CA ASN A 163 7.48 -16.99 7.59
C ASN A 163 6.88 -16.59 6.26
N PHE A 164 7.41 -15.52 5.68
CA PHE A 164 7.03 -15.02 4.35
C PHE A 164 8.19 -15.24 3.38
N SER A 165 8.95 -16.31 3.59
CA SER A 165 10.09 -16.63 2.70
C SER A 165 9.60 -16.89 1.29
N SER A 166 8.33 -17.25 1.07
CA SER A 166 7.82 -17.53 -0.29
C SER A 166 7.56 -16.24 -1.08
N VAL A 167 7.58 -15.07 -0.46
CA VAL A 167 7.19 -13.81 -1.16
C VAL A 167 8.30 -13.38 -2.13
N THR A 168 7.95 -13.17 -3.38
CA THR A 168 8.89 -12.69 -4.41
C THR A 168 8.53 -11.26 -4.83
N VAL A 169 7.45 -10.74 -4.30
CA VAL A 169 6.93 -9.38 -4.63
C VAL A 169 7.76 -8.36 -3.85
N PRO A 170 8.16 -7.23 -4.46
CA PRO A 170 8.82 -6.14 -3.72
C PRO A 170 7.97 -5.66 -2.54
N THR A 171 8.53 -5.71 -1.35
CA THR A 171 7.74 -5.49 -0.12
C THR A 171 8.40 -4.50 0.83
N LEU A 172 7.69 -3.41 1.09
CA LEU A 172 8.08 -2.39 2.07
C LEU A 172 7.23 -2.63 3.33
N ILE A 173 7.90 -2.80 4.48
CA ILE A 173 7.23 -3.01 5.77
C ILE A 173 7.38 -1.70 6.58
N PHE A 174 6.27 -1.01 6.82
CA PHE A 174 6.23 0.06 7.84
C PHE A 174 6.01 -0.58 9.20
N ALA A 175 6.77 -0.12 10.20
CA ALA A 175 6.69 -0.63 11.56
C ALA A 175 6.62 0.56 12.51
N CYS A 176 6.13 0.30 13.72
CA CYS A 176 5.88 1.35 14.72
C CYS A 176 6.66 0.97 15.98
N GLU A 177 7.62 1.80 16.39
CA GLU A 177 8.64 1.37 17.39
C GLU A 177 7.97 0.82 18.64
N ASN A 178 6.97 1.55 19.12
CA ASN A 178 6.37 1.26 20.44
C ASN A 178 5.07 0.49 20.30
N ASP A 179 4.92 -0.26 19.23
CA ASP A 179 3.71 -1.08 19.00
C ASP A 179 3.54 -2.08 20.15
N SER A 180 2.44 -1.96 20.87
CA SER A 180 2.10 -2.88 21.99
C SER A 180 1.09 -3.94 21.55
N ILE A 181 0.59 -3.88 20.33
CA ILE A 181 -0.41 -4.84 19.79
C ILE A 181 0.31 -5.95 19.02
N ALA A 182 1.20 -5.55 18.13
CA ALA A 182 2.04 -6.47 17.34
C ALA A 182 3.47 -5.97 17.45
N PRO A 183 4.14 -6.29 18.57
CA PRO A 183 5.47 -5.73 18.81
C PRO A 183 6.39 -6.01 17.64
N VAL A 184 7.19 -5.01 17.32
CA VAL A 184 8.12 -5.09 16.17
C VAL A 184 8.99 -6.31 16.30
N ALA A 185 9.49 -6.60 17.47
CA ALA A 185 10.51 -7.66 17.63
C ALA A 185 9.91 -9.05 17.40
N SER A 186 8.61 -9.22 17.57
CA SER A 186 7.95 -10.55 17.41
C SER A 186 7.12 -10.62 16.11
N SER A 187 6.86 -9.51 15.44
CA SER A 187 5.96 -9.45 14.27
C SER A 187 6.67 -8.83 13.06
N ALA A 188 6.70 -7.51 12.95
CA ALA A 188 7.19 -6.87 11.72
C ALA A 188 8.63 -7.30 11.41
N LEU A 189 9.54 -7.29 12.38
CA LEU A 189 10.96 -7.54 12.03
C LEU A 189 11.14 -9.00 11.66
N PRO A 190 10.63 -10.01 12.38
CA PRO A 190 10.73 -11.37 11.90
C PRO A 190 10.12 -11.56 10.50
N ILE A 191 9.00 -10.91 10.24
CA ILE A 191 8.42 -10.97 8.87
C ILE A 191 9.43 -10.47 7.85
N TYR A 192 9.97 -9.30 8.10
CA TYR A 192 11.00 -8.72 7.21
C TYR A 192 12.15 -9.70 7.03
N ASP A 193 12.67 -10.22 8.12
CA ASP A 193 13.87 -11.09 8.05
C ASP A 193 13.58 -12.39 7.29
N SER A 194 12.33 -12.83 7.25
CA SER A 194 11.98 -14.10 6.57
C SER A 194 12.11 -13.96 5.06
N MET A 195 12.01 -12.75 4.53
CA MET A 195 11.91 -12.54 3.07
C MET A 195 13.30 -12.50 2.44
N SER A 196 13.56 -13.44 1.58
CA SER A 196 14.91 -13.70 1.04
C SER A 196 14.98 -13.54 -0.48
N GLN A 197 13.85 -13.53 -1.18
CA GLN A 197 13.83 -13.61 -2.65
C GLN A 197 13.53 -12.27 -3.32
N ASN A 198 13.21 -11.26 -2.55
CA ASN A 198 12.60 -10.04 -3.10
C ASN A 198 13.41 -8.78 -2.76
N ALA A 199 13.12 -7.72 -3.50
CA ALA A 199 13.39 -6.34 -3.06
C ALA A 199 12.56 -6.10 -1.80
N LYS A 200 13.18 -5.60 -0.74
CA LYS A 200 12.43 -5.42 0.50
C LYS A 200 13.01 -4.25 1.27
N GLN A 201 12.19 -3.71 2.15
CA GLN A 201 12.61 -2.57 2.99
C GLN A 201 11.80 -2.62 4.28
N PHE A 202 12.41 -2.07 5.30
CA PHE A 202 11.88 -2.00 6.67
C PHE A 202 12.05 -0.58 7.17
N LEU A 203 10.96 0.06 7.58
CA LEU A 203 11.02 1.46 8.04
C LEU A 203 10.20 1.55 9.33
N GLU A 204 10.90 1.73 10.44
CA GLU A 204 10.24 1.83 11.76
C GLU A 204 10.21 3.26 12.25
N ILE A 205 9.03 3.72 12.59
CA ILE A 205 8.79 5.11 13.06
C ILE A 205 9.09 5.19 14.55
N CYS A 206 9.96 6.11 14.91
CA CYS A 206 10.31 6.42 16.31
C CYS A 206 9.07 6.75 17.12
N GLY A 207 8.97 6.09 18.25
CA GLY A 207 7.93 6.35 19.26
C GLY A 207 6.54 5.94 18.78
N GLY A 208 6.43 5.28 17.63
CA GLY A 208 5.11 5.01 17.05
C GLY A 208 4.29 4.01 17.84
N SER A 209 3.02 4.30 18.06
CA SER A 209 2.05 3.30 18.55
C SER A 209 1.66 2.41 17.38
N HIS A 210 0.84 1.41 17.64
CA HIS A 210 0.35 0.52 16.56
C HIS A 210 -0.33 1.29 15.41
N SER A 211 -0.84 2.47 15.66
CA SER A 211 -1.55 3.28 14.62
CA SER A 211 -1.56 3.30 14.65
C SER A 211 -0.64 4.29 13.93
N CYS A 212 0.68 4.14 14.01
CA CYS A 212 1.63 5.19 13.56
C CYS A 212 1.61 5.47 12.05
N ALA A 213 1.01 4.61 11.22
CA ALA A 213 0.95 4.84 9.76
C ALA A 213 -0.51 5.03 9.33
N ASN A 214 -1.40 5.24 10.28
CA ASN A 214 -2.85 5.38 10.00
C ASN A 214 -3.23 6.83 9.68
N SER A 215 -4.46 7.00 9.23
CA SER A 215 -5.03 8.34 9.02
C SER A 215 -4.81 9.17 10.27
N GLY A 216 -4.37 10.39 10.10
CA GLY A 216 -4.12 11.28 11.22
C GLY A 216 -2.74 11.14 11.81
N ASN A 217 -1.85 10.36 11.21
CA ASN A 217 -0.49 10.28 11.76
C ASN A 217 0.27 11.59 11.51
N SER A 218 1.30 11.81 12.31
CA SER A 218 2.10 13.06 12.23
CA SER A 218 2.13 13.05 12.27
C SER A 218 3.35 12.87 11.37
N ASN A 219 3.46 11.79 10.63
CA ASN A 219 4.62 11.55 9.73
C ASN A 219 4.16 11.30 8.31
N GLN A 220 3.15 12.01 7.84
CA GLN A 220 2.61 11.76 6.50
C GLN A 220 3.61 12.14 5.43
N ALA A 221 4.43 13.13 5.67
CA ALA A 221 5.43 13.52 4.66
C ALA A 221 6.36 12.33 4.40
N LEU A 222 6.95 11.74 5.45
CA LEU A 222 7.93 10.64 5.26
C LEU A 222 7.20 9.36 4.84
N ILE A 223 6.14 8.96 5.53
CA ILE A 223 5.45 7.69 5.25
C ILE A 223 4.85 7.75 3.85
N GLY A 224 4.21 8.87 3.52
CA GLY A 224 3.61 9.03 2.20
C GLY A 224 4.68 9.05 1.12
N LYS A 225 5.80 9.72 1.35
CA LYS A 225 6.90 9.71 0.36
C LYS A 225 7.31 8.27 0.11
N LYS A 226 7.55 7.51 1.15
CA LYS A 226 8.08 6.16 0.99
C LYS A 226 7.05 5.26 0.31
N GLY A 227 5.80 5.33 0.73
CA GLY A 227 4.79 4.46 0.13
C GLY A 227 4.61 4.77 -1.34
N VAL A 228 4.50 6.04 -1.68
CA VAL A 228 4.34 6.41 -3.11
C VAL A 228 5.60 6.00 -3.88
N ALA A 229 6.79 6.28 -3.35
CA ALA A 229 8.02 5.94 -4.07
C ALA A 229 8.09 4.44 -4.31
N TRP A 230 7.76 3.64 -3.33
CA TRP A 230 7.83 2.16 -3.48
C TRP A 230 6.84 1.70 -4.54
N MET A 231 5.62 2.21 -4.48
CA MET A 231 4.61 1.81 -5.47
C MET A 231 4.98 2.30 -6.86
N LYS A 232 5.51 3.53 -6.98
CA LYS A 232 5.93 4.00 -8.32
C LYS A 232 7.05 3.13 -8.85
N ARG A 233 8.06 2.89 -8.05
CA ARG A 233 9.25 2.14 -8.51
C ARG A 233 8.80 0.77 -9.01
N PHE A 234 7.97 0.09 -8.23
CA PHE A 234 7.72 -1.34 -8.49
C PHE A 234 6.43 -1.61 -9.28
N MET A 235 5.38 -0.85 -9.05
CA MET A 235 4.14 -1.00 -9.88
C MET A 235 4.30 -0.41 -11.26
N ASP A 236 5.08 0.66 -11.39
CA ASP A 236 5.23 1.35 -12.69
C ASP A 236 6.61 1.09 -13.29
N ASN A 237 7.44 0.30 -12.63
CA ASN A 237 8.84 0.07 -13.08
C ASN A 237 9.56 1.43 -13.22
N ASP A 238 9.18 2.42 -12.43
CA ASP A 238 9.55 3.81 -12.68
C ASP A 238 10.83 4.11 -11.94
N THR A 239 11.95 3.96 -12.62
CA THR A 239 13.28 4.10 -11.99
C THR A 239 13.60 5.56 -11.68
N ARG A 240 12.78 6.52 -12.11
CA ARG A 240 12.92 7.89 -11.56
C ARG A 240 12.81 7.84 -10.03
N TYR A 241 12.14 6.84 -9.51
CA TYR A 241 11.87 6.69 -8.07
C TYR A 241 12.84 5.71 -7.42
N SER A 242 13.88 5.25 -8.12
CA SER A 242 14.78 4.23 -7.54
C SER A 242 15.44 4.75 -6.25
N THR A 243 15.99 5.95 -6.28
CA THR A 243 16.70 6.46 -5.09
C THR A 243 15.69 6.73 -3.97
N PHE A 244 14.54 7.34 -4.26
CA PHE A 244 13.55 7.57 -3.19
C PHE A 244 13.10 6.23 -2.60
N ALA A 245 12.96 5.21 -3.43
CA ALA A 245 12.49 3.90 -2.97
C ALA A 245 13.55 3.22 -2.13
N CYS A 246 14.80 3.29 -2.55
CA CYS A 246 15.84 2.47 -1.92
C CYS A 246 16.59 3.19 -0.80
N GLU A 247 16.53 4.51 -0.73
CA GLU A 247 17.43 5.23 0.18
C GLU A 247 17.00 5.08 1.64
N ASN A 248 17.99 5.16 2.52
CA ASN A 248 17.74 5.41 3.95
C ASN A 248 17.40 6.89 4.01
N PRO A 249 16.18 7.26 4.42
CA PRO A 249 15.82 8.68 4.43
C PRO A 249 16.55 9.49 5.51
N ASN A 250 17.30 8.80 6.36
CA ASN A 250 18.26 9.36 7.35
C ASN A 250 17.46 10.46 8.09
N SER A 251 16.24 10.12 8.54
CA SER A 251 15.19 11.01 9.12
C SER A 251 15.19 10.86 10.65
N THR A 252 14.92 11.93 11.39
CA THR A 252 14.81 11.91 12.87
C THR A 252 13.63 11.03 13.29
N ALA A 253 12.67 10.79 12.40
CA ALA A 253 11.47 9.98 12.74
C ALA A 253 11.74 8.49 12.51
N VAL A 254 12.89 8.13 11.96
CA VAL A 254 13.16 6.71 11.65
C VAL A 254 14.08 6.11 12.70
N CYS A 255 13.62 5.07 13.35
CA CYS A 255 14.39 4.43 14.42
C CYS A 255 14.91 3.06 13.99
N ASP A 256 14.47 2.54 12.85
CA ASP A 256 15.12 1.34 12.29
C ASP A 256 14.88 1.41 10.80
N PHE A 257 15.93 1.25 10.02
CA PHE A 257 15.87 1.21 8.55
C PHE A 257 16.67 0.02 8.05
N ARG A 258 16.08 -0.80 7.20
CA ARG A 258 16.80 -1.91 6.53
C ARG A 258 16.31 -2.02 5.11
N THR A 259 17.20 -2.41 4.18
CA THR A 259 16.74 -2.70 2.81
C THR A 259 17.66 -3.72 2.20
N ALA A 260 17.11 -4.50 1.26
CA ALA A 260 17.89 -5.50 0.53
C ALA A 260 17.34 -5.63 -0.89
N ASN A 261 18.24 -5.88 -1.81
CA ASN A 261 17.88 -6.20 -3.20
C ASN A 261 17.11 -5.06 -3.86
N CYS A 262 17.37 -3.83 -3.44
CA CYS A 262 16.65 -2.65 -3.97
C CYS A 262 17.47 -2.03 -5.10
N SER A 263 16.82 -1.58 -6.16
CA SER A 263 17.43 -0.94 -7.36
C SER A 263 16.40 0.00 -7.98
C2 C9C B . -0.57 -11.07 19.22
C3 C9C B . -2.50 -10.05 18.21
C4 C9C B . -3.06 -9.12 17.28
C5 C9C B . -4.40 -8.75 17.31
C6 C9C B . -5.00 -7.81 16.44
C7 C9C B . -4.26 -7.21 15.47
C8 C9C B . -2.93 -7.56 15.45
C1 C9C B . 0.86 -10.53 19.31
O1 C9C B . 0.83 -9.34 20.05
O2 C9C B . -1.19 -10.33 18.12
O3 C9C B . -3.07 -10.34 19.29
C9 C9C B . -2.33 -8.51 16.29
C10 C9C B . -4.70 -6.16 14.65
O4 C9C B . -5.11 -6.37 13.49
O5 C9C B . -4.75 -4.88 15.10
#